data_4JIU
#
_entry.id   4JIU
#
_cell.length_a   34.620
_cell.length_b   44.660
_cell.length_c   72.000
_cell.angle_alpha   90.00
_cell.angle_beta   90.00
_cell.angle_gamma   90.00
#
_symmetry.space_group_name_H-M   'P 21 21 21'
#
loop_
_entity.id
_entity.type
_entity.pdbx_description
1 polymer Proabylysin
2 non-polymer 'ZINC ION'
3 non-polymer GLYCEROL
4 water water
#
_entity_poly.entity_id   1
_entity_poly.type   'polypeptide(L)'
_entity_poly.pdbx_seq_one_letter_code
;MVEDLLEHAKDILGYQRPVKVRIRPLKMSIARVSFKYGTITLDPAVLNLEEEEMFYILIHELAHLKAETSYHSSSFWREV
EKVFPGERAKEIEDRIMTKLQRNMV
;
_entity_poly.pdbx_strand_id   A
#
loop_
_chem_comp.id
_chem_comp.type
_chem_comp.name
_chem_comp.formula
GOL non-polymer GLYCEROL 'C3 H8 O3'
ZN non-polymer 'ZINC ION' 'Zn 2'
#
# COMPACT_ATOMS: atom_id res chain seq x y z
N MET A 1 14.84 -4.48 -2.55
CA MET A 1 14.10 -3.37 -3.15
C MET A 1 12.64 -3.51 -2.72
N VAL A 2 11.73 -3.12 -3.59
CA VAL A 2 10.30 -3.26 -3.43
C VAL A 2 9.98 -4.68 -3.00
N GLU A 3 10.59 -5.69 -3.60
CA GLU A 3 10.36 -7.08 -3.26
C GLU A 3 10.67 -7.36 -1.82
N ASP A 4 11.79 -6.79 -1.30
CA ASP A 4 12.09 -7.02 0.11
C ASP A 4 11.09 -6.33 1.02
N LEU A 5 10.64 -5.13 0.63
CA LEU A 5 9.62 -4.47 1.45
C LEU A 5 8.32 -5.23 1.50
N LEU A 6 7.94 -5.75 0.32
CA LEU A 6 6.73 -6.54 0.26
C LEU A 6 6.76 -7.78 1.15
N GLU A 7 7.90 -8.45 1.20
CA GLU A 7 7.98 -9.63 2.09
C GLU A 7 7.82 -9.23 3.54
N HIS A 8 8.45 -8.13 3.93
CA HIS A 8 8.30 -7.63 5.32
C HIS A 8 6.84 -7.27 5.58
N ALA A 9 6.17 -6.64 4.65
CA ALA A 9 4.77 -6.27 4.82
C ALA A 9 3.88 -7.47 4.97
N LYS A 10 4.07 -8.51 4.13
CA LYS A 10 3.30 -9.75 4.29
C LYS A 10 3.54 -10.38 5.63
N ASP A 11 4.76 -10.36 6.12
CA ASP A 11 5.07 -10.98 7.43
C ASP A 11 4.35 -10.25 8.55
N ILE A 12 4.37 -8.90 8.50
CA ILE A 12 3.71 -8.17 9.58
C ILE A 12 2.21 -8.33 9.58
N LEU A 13 1.65 -8.30 8.37
CA LEU A 13 0.20 -8.43 8.28
C LEU A 13 -0.22 -9.88 8.53
N GLY A 14 0.71 -10.82 8.40
CA GLY A 14 0.34 -12.24 8.46
C GLY A 14 -0.48 -12.67 7.25
N TYR A 15 0.08 -12.34 6.09
CA TYR A 15 -0.65 -12.51 4.81
C TYR A 15 0.22 -13.24 3.80
N GLN A 16 0.18 -14.53 3.81
CA GLN A 16 1.06 -15.32 2.95
C GLN A 16 0.30 -15.71 1.71
N ARG A 17 0.36 -14.83 0.77
CA ARG A 17 -0.22 -14.95 -0.54
C ARG A 17 0.84 -14.49 -1.53
N PRO A 18 0.96 -15.11 -2.69
CA PRO A 18 2.00 -14.73 -3.67
C PRO A 18 1.63 -13.51 -4.49
N VAL A 19 1.49 -12.40 -3.78
CA VAL A 19 1.13 -11.11 -4.40
C VAL A 19 2.30 -10.67 -5.26
N LYS A 20 2.00 -10.26 -6.47
CA LYS A 20 2.98 -9.81 -7.42
C LYS A 20 2.94 -8.30 -7.55
N VAL A 21 4.09 -7.69 -7.57
CA VAL A 21 4.21 -6.25 -7.77
C VAL A 21 4.57 -5.96 -9.23
N ARG A 22 3.84 -5.08 -9.86
CA ARG A 22 4.08 -4.62 -11.20
C ARG A 22 4.30 -3.14 -11.18
N ILE A 23 5.24 -2.67 -11.98
CA ILE A 23 5.47 -1.24 -12.12
C ILE A 23 4.93 -0.81 -13.45
N ARG A 24 3.99 0.11 -13.50
CA ARG A 24 3.37 0.55 -14.73
C ARG A 24 2.99 2.00 -14.58
N PRO A 25 3.09 2.80 -15.63
CA PRO A 25 2.63 4.17 -15.52
C PRO A 25 1.11 4.22 -15.39
N LEU A 26 0.66 4.91 -14.36
CA LEU A 26 -0.75 5.05 -14.06
C LEU A 26 -1.12 6.53 -14.20
N LYS A 27 -2.31 6.81 -14.69
CA LYS A 27 -2.73 8.18 -14.89
C LYS A 27 -3.31 8.75 -13.61
N MET A 28 -4.26 7.98 -13.09
CA MET A 28 -5.22 8.49 -12.13
C MET A 28 -4.82 8.25 -10.69
N SER A 29 -3.81 7.42 -10.45
CA SER A 29 -3.31 7.12 -9.13
C SER A 29 -1.83 6.78 -9.19
N ILE A 30 -1.30 6.46 -8.02
CA ILE A 30 0.06 5.94 -7.99
C ILE A 30 0.13 4.47 -7.59
N ALA A 31 -0.99 3.87 -7.19
CA ALA A 31 -0.98 2.44 -6.84
C ALA A 31 -2.39 1.94 -6.80
N ARG A 32 -2.52 0.65 -7.17
CA ARG A 32 -3.82 -0.02 -7.07
C ARG A 32 -3.60 -1.53 -7.00
N VAL A 33 -4.63 -2.28 -6.68
CA VAL A 33 -4.56 -3.73 -6.61
C VAL A 33 -5.49 -4.37 -7.63
N SER A 34 -5.21 -5.66 -7.85
CA SER A 34 -6.16 -6.61 -8.40
C SER A 34 -6.46 -7.68 -7.33
N PHE A 35 -7.70 -7.67 -6.85
CA PHE A 35 -8.16 -8.72 -5.95
C PHE A 35 -8.19 -10.06 -6.65
N LYS A 36 -8.62 -10.05 -7.91
CA LYS A 36 -8.79 -11.27 -8.70
C LYS A 36 -7.48 -11.98 -8.90
N TYR A 37 -6.45 -11.23 -9.27
CA TYR A 37 -5.16 -11.80 -9.64
C TYR A 37 -4.09 -11.70 -8.57
N GLY A 38 -4.35 -10.93 -7.50
CA GLY A 38 -3.37 -10.86 -6.44
C GLY A 38 -2.14 -10.07 -6.87
N THR A 39 -2.37 -8.84 -7.33
CA THR A 39 -1.28 -7.98 -7.77
C THR A 39 -1.42 -6.60 -7.12
N ILE A 40 -0.27 -5.97 -7.03
CA ILE A 40 -0.16 -4.55 -6.67
C ILE A 40 0.55 -3.86 -7.83
N THR A 41 -0.06 -2.87 -8.44
CA THR A 41 0.59 -2.10 -9.50
C THR A 41 0.94 -0.75 -8.96
N LEU A 42 2.20 -0.34 -9.17
CA LEU A 42 2.75 0.88 -8.67
C LEU A 42 3.20 1.73 -9.87
N ASP A 43 2.94 3.00 -9.80
CA ASP A 43 3.52 3.96 -10.76
C ASP A 43 5.02 4.06 -10.51
N PRO A 44 5.85 4.22 -11.55
CA PRO A 44 7.27 4.31 -11.31
C PRO A 44 7.69 5.39 -10.33
N ALA A 45 6.90 6.44 -10.17
CA ALA A 45 7.29 7.46 -9.18
C ALA A 45 7.38 6.92 -7.76
N VAL A 46 6.64 5.89 -7.46
CA VAL A 46 6.72 5.32 -6.11
C VAL A 46 8.13 4.91 -5.77
N LEU A 47 8.93 4.45 -6.74
CA LEU A 47 10.23 3.82 -6.48
C LEU A 47 11.25 4.83 -6.02
N ASN A 48 10.89 6.14 -6.14
CA ASN A 48 11.74 7.21 -5.67
C ASN A 48 11.26 7.84 -4.35
N LEU A 49 10.24 7.32 -3.71
CA LEU A 49 9.80 7.79 -2.39
C LEU A 49 10.73 7.36 -1.29
N GLU A 50 10.63 7.97 -0.11
CA GLU A 50 11.38 7.48 1.04
C GLU A 50 10.87 6.07 1.44
N GLU A 51 11.70 5.31 2.16
CA GLU A 51 11.31 3.93 2.48
C GLU A 51 10.00 3.86 3.24
N GLU A 52 9.78 4.75 4.24
CA GLU A 52 8.54 4.62 5.00
C GLU A 52 7.34 4.88 4.12
N GLU A 53 7.45 5.82 3.17
CA GLU A 53 6.42 6.15 2.21
CA GLU A 53 6.37 6.12 2.25
C GLU A 53 6.11 4.95 1.29
N MET A 54 7.18 4.37 0.75
CA MET A 54 6.99 3.16 -0.08
C MET A 54 6.33 2.05 0.72
N PHE A 55 6.83 1.85 1.95
CA PHE A 55 6.26 0.82 2.80
C PHE A 55 4.78 1.10 3.07
N TYR A 56 4.43 2.36 3.32
CA TYR A 56 3.02 2.70 3.51
C TYR A 56 2.18 2.24 2.34
N ILE A 57 2.62 2.60 1.12
CA ILE A 57 1.86 2.22 -0.06
C ILE A 57 1.66 0.71 -0.13
N LEU A 58 2.72 -0.06 0.09
CA LEU A 58 2.60 -1.49 0.06
C LEU A 58 1.65 -2.00 1.12
N ILE A 59 1.76 -1.50 2.35
CA ILE A 59 0.86 -1.89 3.43
C ILE A 59 -0.57 -1.52 3.10
N HIS A 60 -0.79 -0.32 2.59
CA HIS A 60 -2.13 0.13 2.23
C HIS A 60 -2.73 -0.81 1.21
N GLU A 61 -1.96 -1.09 0.15
CA GLU A 61 -2.50 -1.94 -0.91
C GLU A 61 -2.69 -3.40 -0.46
N LEU A 62 -1.75 -3.92 0.33
CA LEU A 62 -1.91 -5.26 0.86
CA LEU A 62 -1.89 -5.25 0.89
C LEU A 62 -3.10 -5.30 1.82
N ALA A 63 -3.39 -4.24 2.56
CA ALA A 63 -4.53 -4.19 3.43
C ALA A 63 -5.83 -4.29 2.65
N HIS A 64 -5.89 -3.70 1.46
CA HIS A 64 -7.07 -3.88 0.59
C HIS A 64 -7.27 -5.34 0.29
N LEU A 65 -6.20 -6.00 -0.12
CA LEU A 65 -6.24 -7.39 -0.52
C LEU A 65 -6.64 -8.26 0.67
N LYS A 66 -6.01 -8.07 1.81
CA LYS A 66 -6.27 -8.90 2.97
C LYS A 66 -7.66 -8.71 3.54
N ALA A 67 -8.08 -7.45 3.70
CA ALA A 67 -9.40 -7.13 4.19
C ALA A 67 -10.49 -7.37 3.16
N GLU A 68 -10.14 -7.60 1.91
CA GLU A 68 -11.03 -7.98 0.82
C GLU A 68 -12.07 -6.90 0.60
N THR A 69 -11.56 -5.66 0.57
CA THR A 69 -12.43 -4.49 0.37
C THR A 69 -11.73 -3.33 -0.28
N SER A 70 -12.44 -2.65 -1.17
CA SER A 70 -11.99 -1.38 -1.68
C SER A 70 -12.35 -0.18 -0.81
N TYR A 71 -13.32 -0.39 0.06
CA TYR A 71 -13.72 0.64 0.99
C TYR A 71 -12.75 0.66 2.18
N HIS A 72 -12.36 1.87 2.63
CA HIS A 72 -11.41 1.96 3.72
C HIS A 72 -12.19 1.81 5.05
N SER A 73 -12.53 0.59 5.35
CA SER A 73 -13.33 0.18 6.51
C SER A 73 -12.48 0.12 7.75
N SER A 74 -13.16 -0.11 8.89
CA SER A 74 -12.38 -0.26 10.12
CA SER A 74 -12.40 -0.29 10.13
C SER A 74 -11.47 -1.49 10.02
N SER A 75 -11.92 -2.56 9.34
CA SER A 75 -11.07 -3.75 9.20
CA SER A 75 -11.01 -3.72 9.29
C SER A 75 -9.83 -3.44 8.36
N PHE A 76 -10.05 -2.64 7.33
CA PHE A 76 -8.92 -2.18 6.51
C PHE A 76 -7.89 -1.46 7.35
N TRP A 77 -8.35 -0.46 8.11
CA TRP A 77 -7.45 0.36 8.88
C TRP A 77 -6.77 -0.44 9.98
N ARG A 78 -7.48 -1.48 10.52
CA ARG A 78 -6.83 -2.34 11.50
C ARG A 78 -5.56 -3.02 10.93
N GLU A 79 -5.62 -3.41 9.66
CA GLU A 79 -4.42 -4.01 9.08
C GLU A 79 -3.31 -2.96 8.97
N VAL A 80 -3.63 -1.79 8.44
CA VAL A 80 -2.64 -0.70 8.30
C VAL A 80 -1.99 -0.37 9.62
N GLU A 81 -2.79 -0.41 10.68
CA GLU A 81 -2.32 -0.05 12.01
C GLU A 81 -1.44 -1.10 12.67
N LYS A 82 -1.25 -2.24 12.02
CA LYS A 82 -0.18 -3.16 12.45
C LYS A 82 1.20 -2.57 12.22
N VAL A 83 1.31 -1.54 11.40
CA VAL A 83 2.55 -0.85 11.13
C VAL A 83 2.43 0.64 11.52
N PHE A 84 1.37 1.32 11.06
CA PHE A 84 1.26 2.76 11.19
C PHE A 84 0.23 3.11 12.26
N PRO A 85 0.61 3.45 13.48
CA PRO A 85 -0.35 3.64 14.56
C PRO A 85 -1.05 4.97 14.50
N GLY A 86 -2.30 5.01 14.93
CA GLY A 86 -2.92 6.29 15.25
C GLY A 86 -3.04 7.17 14.04
N GLU A 87 -2.53 8.40 14.17
CA GLU A 87 -2.57 9.39 13.13
C GLU A 87 -1.49 9.22 12.07
N ARG A 88 -0.65 8.21 12.19
CA ARG A 88 0.54 8.14 11.29
C ARG A 88 0.15 7.85 9.85
N ALA A 89 -0.84 6.98 9.56
CA ALA A 89 -1.14 6.73 8.15
C ALA A 89 -1.53 7.98 7.42
N LYS A 90 -2.35 8.83 8.04
CA LYS A 90 -2.77 10.05 7.35
C LYS A 90 -1.59 10.99 7.20
N GLU A 91 -0.66 11.05 8.13
CA GLU A 91 0.55 11.86 8.03
C GLU A 91 1.38 11.42 6.82
N ILE A 92 1.58 10.12 6.67
CA ILE A 92 2.37 9.62 5.55
C ILE A 92 1.62 9.85 4.26
N GLU A 93 0.32 9.59 4.20
CA GLU A 93 -0.44 9.93 3.01
C GLU A 93 -0.29 11.38 2.62
N ASP A 94 -0.28 12.25 3.58
CA ASP A 94 -0.12 13.67 3.29
C ASP A 94 1.24 13.93 2.66
N ARG A 95 2.28 13.29 3.20
CA ARG A 95 3.63 13.46 2.62
C ARG A 95 3.67 13.01 1.17
N ILE A 96 3.09 11.86 0.88
CA ILE A 96 3.07 11.31 -0.46
C ILE A 96 2.32 12.21 -1.40
N MET A 97 1.17 12.71 -0.97
CA MET A 97 0.40 13.66 -1.78
C MET A 97 1.17 14.94 -2.01
N THR A 98 1.85 15.46 -1.01
CA THR A 98 2.65 16.68 -1.22
C THR A 98 3.67 16.44 -2.32
N LYS A 99 4.33 15.27 -2.24
CA LYS A 99 5.40 15.03 -3.17
C LYS A 99 4.92 14.79 -4.59
N LEU A 100 3.94 13.87 -4.72
CA LEU A 100 3.58 13.36 -6.02
C LEU A 100 2.33 13.99 -6.61
N GLN A 101 1.54 14.67 -5.79
CA GLN A 101 0.34 15.35 -6.21
C GLN A 101 -0.66 14.41 -6.85
N ARG A 102 -0.65 13.19 -6.41
CA ARG A 102 -1.46 12.08 -6.92
C ARG A 102 -1.76 11.20 -5.72
N ASN A 103 -2.88 10.52 -5.80
CA ASN A 103 -3.56 9.72 -4.85
C ASN A 103 -3.21 8.24 -5.01
N MET A 104 -3.17 7.32 -4.04
CA MET A 104 -3.21 5.87 -4.24
C MET A 104 -4.64 5.41 -4.11
N VAL A 105 -5.01 4.30 -4.70
CA VAL A 105 -6.36 3.77 -4.48
C VAL A 105 -6.39 3.13 -3.09
ZN ZN B . -7.04 2.52 -0.52
C1 GOL C . -7.49 6.59 9.08
O1 GOL C . -6.07 6.42 9.08
C2 GOL C . -8.07 5.93 10.33
O2 GOL C . -7.59 6.62 11.48
C3 GOL C . -9.59 5.94 10.37
O3 GOL C . -10.05 5.11 11.46
#